data_5Q0S
#
_entry.id   5Q0S
#
_cell.length_a   72.169
_cell.length_b   84.461
_cell.length_c   188.977
_cell.angle_alpha   90.000
_cell.angle_beta   90.000
_cell.angle_gamma   90.000
#
_symmetry.space_group_name_H-M   'C 2 2 21'
#
loop_
_entity.id
_entity.type
_entity.pdbx_description
1 polymer 'Bile acid receptor'
2 polymer 'COACTIVATOR PEPTIDE SRC-1 HD3'
3 non-polymer (2S)-2-[2-(4-chlorophenyl)-5,6-difluoro-1H-benzimidazol-1-yl]-N-(2-cyanophenyl)-2-cyclohexylacetamide
4 water water
#
loop_
_entity_poly.entity_id
_entity_poly.type
_entity_poly.pdbx_seq_one_letter_code
_entity_poly.pdbx_strand_id
1 'polypeptide(L)'
;GSHMELTPDQQTLLHFIMDSYNKQRMPQEITNKILKEAFSAEENFLILTEMATNHVQVLVEFTKKLPGFQTLDHEDQIAL
LKGSAVEAMFLRSAEIFNKKLPSGHSDLLEARIRNSGISDEYITPMFSFYKSIGELKMTQEEYALLTAIVILSPDRQYIK
DREAVEKLQEPLLDVLQKLCKIHQPENPQHFACLLGRLTELRTFNHHHAEMLMSWRVNDHKFTPLLCEIWDVQ
;
A,C
2 'polypeptide(L)' KDHQLLRYLLDKDE B,D
#
loop_
_chem_comp.id
_chem_comp.type
_chem_comp.name
_chem_comp.formula
9LJ non-polymer (2S)-2-[2-(4-chlorophenyl)-5,6-difluoro-1H-benzimidazol-1-yl]-N-(2-cyanophenyl)-2-cyclohexylacetamide 'C28 H23 Cl F2 N4 O'
#
# COMPACT_ATOMS: atom_id res chain seq x y z
N MET A 4 12.32 -20.48 -42.10
CA MET A 4 13.60 -20.91 -41.53
C MET A 4 14.30 -19.77 -40.74
N GLU A 5 15.56 -19.44 -41.12
CA GLU A 5 16.43 -18.40 -40.56
C GLU A 5 16.37 -17.12 -41.42
N LEU A 6 16.65 -15.95 -40.81
CA LEU A 6 16.58 -14.63 -41.44
C LEU A 6 17.46 -14.46 -42.69
N THR A 7 16.96 -13.71 -43.69
CA THR A 7 17.67 -13.40 -44.92
C THR A 7 18.53 -12.15 -44.67
N PRO A 8 19.56 -11.84 -45.52
CA PRO A 8 20.35 -10.61 -45.30
C PRO A 8 19.49 -9.35 -45.17
N ASP A 9 18.43 -9.24 -45.99
CA ASP A 9 17.47 -8.12 -45.99
C ASP A 9 16.70 -8.05 -44.67
N GLN A 10 16.27 -9.21 -44.15
CA GLN A 10 15.53 -9.26 -42.89
C GLN A 10 16.44 -8.88 -41.73
N GLN A 11 17.69 -9.36 -41.75
CA GLN A 11 18.70 -9.05 -40.74
C GLN A 11 19.02 -7.55 -40.73
N THR A 12 19.03 -6.91 -41.92
CA THR A 12 19.25 -5.49 -42.10
C THR A 12 18.08 -4.72 -41.47
N LEU A 13 16.84 -5.13 -41.81
CA LEU A 13 15.60 -4.55 -41.29
C LEU A 13 15.49 -4.65 -39.77
N LEU A 14 15.83 -5.82 -39.21
CA LEU A 14 15.83 -6.07 -37.76
C LEU A 14 16.78 -5.14 -37.01
N HIS A 15 18.03 -4.99 -37.49
CA HIS A 15 19.01 -4.13 -36.84
C HIS A 15 18.61 -2.68 -36.92
N PHE A 16 18.01 -2.28 -38.05
CA PHE A 16 17.49 -0.94 -38.26
C PHE A 16 16.33 -0.61 -37.29
N ILE A 17 15.38 -1.57 -37.08
CA ILE A 17 14.25 -1.46 -36.16
C ILE A 17 14.79 -1.35 -34.73
N MET A 18 15.80 -2.19 -34.41
CA MET A 18 16.45 -2.21 -33.11
C MET A 18 17.09 -0.89 -32.72
N ASP A 19 17.90 -0.30 -33.61
CA ASP A 19 18.56 0.98 -33.37
C ASP A 19 17.59 2.09 -33.05
N SER A 20 16.47 2.17 -33.80
CA SER A 20 15.40 3.17 -33.61
C SER A 20 14.70 2.95 -32.30
N TYR A 21 14.42 1.67 -31.97
CA TYR A 21 13.77 1.27 -30.73
C TYR A 21 14.57 1.65 -29.48
N ASN A 22 15.92 1.55 -29.54
CA ASN A 22 16.78 1.88 -28.40
C ASN A 22 16.97 3.39 -28.14
N LYS A 23 16.41 4.25 -29.02
CA LYS A 23 16.42 5.71 -28.88
C LYS A 23 15.40 6.15 -27.80
N GLN A 24 14.70 5.18 -27.21
CA GLN A 24 13.73 5.36 -26.13
C GLN A 24 14.44 5.54 -24.81
N ARG A 25 13.75 6.20 -23.86
CA ARG A 25 14.22 6.44 -22.49
C ARG A 25 14.49 5.06 -21.85
N MET A 26 15.68 4.90 -21.26
CA MET A 26 16.15 3.65 -20.67
C MET A 26 15.25 3.10 -19.57
N PRO A 27 14.92 1.77 -19.58
CA PRO A 27 14.10 1.19 -18.49
C PRO A 27 14.59 1.57 -17.09
N GLN A 28 15.91 1.50 -16.86
CA GLN A 28 16.58 1.84 -15.60
C GLN A 28 16.27 3.26 -15.11
N GLU A 29 16.17 4.23 -16.04
CA GLU A 29 15.86 5.62 -15.74
C GLU A 29 14.46 5.77 -15.11
N ILE A 30 13.50 4.93 -15.53
CA ILE A 30 12.11 4.92 -15.06
C ILE A 30 11.97 4.19 -13.70
N THR A 31 12.46 2.93 -13.61
CA THR A 31 12.39 2.09 -12.42
C THR A 31 13.20 2.67 -11.25
N ASN A 32 14.35 3.34 -11.53
CA ASN A 32 15.15 3.98 -10.49
C ASN A 32 14.37 5.08 -9.80
N LYS A 33 13.61 5.88 -10.56
CA LYS A 33 12.82 6.98 -10.02
C LYS A 33 11.69 6.48 -9.12
N ILE A 34 10.96 5.44 -9.58
CA ILE A 34 9.85 4.83 -8.85
C ILE A 34 10.33 4.18 -7.55
N LEU A 35 11.41 3.38 -7.63
CA LEU A 35 12.00 2.64 -6.52
C LEU A 35 12.72 3.49 -5.48
N LYS A 36 13.31 4.64 -5.87
CA LYS A 36 14.07 5.53 -4.99
C LYS A 36 13.30 6.01 -3.77
N GLU A 37 12.14 6.61 -3.99
CA GLU A 37 11.29 7.16 -2.94
C GLU A 37 9.84 7.06 -3.39
N ALA A 38 8.92 7.04 -2.42
CA ALA A 38 7.49 7.01 -2.68
C ALA A 38 7.02 8.44 -2.91
N PHE A 39 6.07 8.60 -3.82
CA PHE A 39 5.51 9.91 -4.20
C PHE A 39 4.00 9.92 -3.98
N SER A 40 3.43 11.12 -3.83
CA SER A 40 1.98 11.28 -3.70
C SER A 40 1.34 11.04 -5.08
N ALA A 41 0.01 10.86 -5.12
CA ALA A 41 -0.75 10.66 -6.36
C ALA A 41 -0.56 11.83 -7.34
N GLU A 42 -0.44 13.06 -6.80
CA GLU A 42 -0.23 14.31 -7.54
C GLU A 42 1.15 14.30 -8.25
N GLU A 43 2.19 13.86 -7.53
CA GLU A 43 3.56 13.75 -8.04
C GLU A 43 3.68 12.67 -9.10
N ASN A 44 3.00 11.52 -8.88
CA ASN A 44 3.00 10.38 -9.81
C ASN A 44 2.26 10.67 -11.10
N PHE A 45 1.10 11.34 -11.00
CA PHE A 45 0.29 11.73 -12.17
C PHE A 45 1.13 12.63 -13.08
N LEU A 46 1.95 13.51 -12.46
CA LEU A 46 2.86 14.43 -13.13
C LEU A 46 4.01 13.66 -13.79
N ILE A 47 4.56 12.63 -13.10
CA ILE A 47 5.64 11.76 -13.59
C ILE A 47 5.12 11.03 -14.83
N LEU A 48 3.85 10.50 -14.75
CA LEU A 48 3.15 9.78 -15.82
C LEU A 48 2.99 10.62 -17.09
N THR A 49 2.52 11.86 -16.98
CA THR A 49 2.27 12.76 -18.12
C THR A 49 3.55 13.13 -18.84
N GLU A 50 4.64 13.40 -18.10
CA GLU A 50 5.94 13.73 -18.66
C GLU A 50 6.48 12.47 -19.33
N MET A 51 6.37 11.29 -18.68
CA MET A 51 6.81 10.00 -19.23
C MET A 51 6.11 9.75 -20.55
N ALA A 52 4.78 9.88 -20.55
CA ALA A 52 3.93 9.67 -21.71
C ALA A 52 4.16 10.67 -22.83
N THR A 53 4.47 11.94 -22.51
CA THR A 53 4.76 12.98 -23.51
C THR A 53 6.07 12.66 -24.23
N ASN A 54 7.13 12.31 -23.46
CA ASN A 54 8.42 11.91 -24.04
C ASN A 54 8.22 10.66 -24.93
N HIS A 55 7.46 9.65 -24.45
CA HIS A 55 7.15 8.42 -25.16
C HIS A 55 6.55 8.69 -26.54
N VAL A 56 5.51 9.54 -26.61
CA VAL A 56 4.83 9.84 -27.86
C VAL A 56 5.77 10.54 -28.85
N GLN A 57 6.60 11.48 -28.36
CA GLN A 57 7.61 12.17 -29.16
C GLN A 57 8.59 11.18 -29.79
N VAL A 58 9.10 10.25 -28.99
CA VAL A 58 10.06 9.22 -29.43
C VAL A 58 9.36 8.20 -30.34
N LEU A 59 8.05 7.96 -30.11
CA LEU A 59 7.24 7.05 -30.92
C LEU A 59 7.06 7.58 -32.33
N VAL A 60 6.82 8.89 -32.51
CA VAL A 60 6.66 9.53 -33.83
C VAL A 60 7.95 9.37 -34.65
N GLU A 61 9.11 9.52 -33.99
CA GLU A 61 10.43 9.37 -34.60
C GLU A 61 10.71 7.92 -35.03
N PHE A 62 10.33 6.92 -34.19
CA PHE A 62 10.46 5.48 -34.46
C PHE A 62 9.57 5.09 -35.65
N THR A 63 8.31 5.55 -35.63
CA THR A 63 7.27 5.37 -36.63
C THR A 63 7.69 5.92 -38.00
N LYS A 64 8.23 7.16 -38.05
CA LYS A 64 8.70 7.80 -39.27
C LYS A 64 9.82 6.99 -39.94
N LYS A 65 10.63 6.30 -39.13
CA LYS A 65 11.75 5.48 -39.58
C LYS A 65 11.29 4.08 -40.04
N LEU A 66 10.01 3.68 -39.80
CA LEU A 66 9.52 2.37 -40.24
C LEU A 66 9.48 2.36 -41.77
N PRO A 67 10.10 1.34 -42.44
CA PRO A 67 10.10 1.34 -43.91
C PRO A 67 8.73 1.49 -44.56
N GLY A 68 8.64 2.46 -45.46
CA GLY A 68 7.44 2.78 -46.21
C GLY A 68 6.44 3.67 -45.49
N PHE A 69 6.66 4.01 -44.20
CA PHE A 69 5.70 4.84 -43.46
C PHE A 69 5.49 6.22 -44.07
N GLN A 70 6.56 6.86 -44.56
CA GLN A 70 6.51 8.18 -45.14
C GLN A 70 5.81 8.23 -46.50
N THR A 71 5.68 7.06 -47.19
CA THR A 71 4.99 6.93 -48.48
C THR A 71 3.46 6.84 -48.28
N LEU A 72 3.00 6.61 -47.03
CA LEU A 72 1.58 6.52 -46.70
C LEU A 72 0.89 7.86 -46.79
N ASP A 73 -0.46 7.81 -46.99
CA ASP A 73 -1.35 8.97 -47.02
C ASP A 73 -1.22 9.64 -45.65
N HIS A 74 -1.05 10.96 -45.65
CA HIS A 74 -0.82 11.76 -44.44
C HIS A 74 -1.92 11.65 -43.40
N GLU A 75 -3.18 11.49 -43.84
CA GLU A 75 -4.31 11.32 -42.90
C GLU A 75 -4.30 9.93 -42.29
N ASP A 76 -3.81 8.93 -43.06
CA ASP A 76 -3.65 7.56 -42.60
C ASP A 76 -2.47 7.46 -41.63
N GLN A 77 -1.44 8.27 -41.84
CA GLN A 77 -0.27 8.37 -40.96
C GLN A 77 -0.68 8.83 -39.55
N ILE A 78 -1.59 9.83 -39.46
CA ILE A 78 -2.10 10.34 -38.19
C ILE A 78 -2.98 9.28 -37.50
N ALA A 79 -3.85 8.61 -38.28
CA ALA A 79 -4.76 7.56 -37.80
C ALA A 79 -4.01 6.39 -37.15
N LEU A 80 -2.87 5.97 -37.76
CA LEU A 80 -2.01 4.91 -37.26
C LEU A 80 -1.36 5.29 -35.93
N LEU A 81 -0.82 6.51 -35.85
CA LEU A 81 -0.20 7.07 -34.65
C LEU A 81 -1.21 7.21 -33.51
N LYS A 82 -2.37 7.82 -33.80
CA LYS A 82 -3.46 8.00 -32.84
C LYS A 82 -3.98 6.63 -32.34
N GLY A 83 -4.09 5.66 -33.26
CA GLY A 83 -4.55 4.30 -32.97
C GLY A 83 -3.61 3.43 -32.18
N SER A 84 -2.28 3.68 -32.26
CA SER A 84 -1.29 2.84 -31.61
C SER A 84 -0.62 3.40 -30.36
N ALA A 85 -0.62 4.73 -30.17
CA ALA A 85 0.08 5.42 -29.06
C ALA A 85 -0.18 4.86 -27.67
N VAL A 86 -1.42 4.54 -27.33
CA VAL A 86 -1.74 4.02 -26.01
C VAL A 86 -1.24 2.57 -25.85
N GLU A 87 -1.48 1.77 -26.87
CA GLU A 87 -1.05 0.37 -26.94
C GLU A 87 0.46 0.25 -26.82
N ALA A 88 1.20 1.09 -27.56
CA ALA A 88 2.67 1.15 -27.57
C ALA A 88 3.23 1.51 -26.20
N MET A 89 2.58 2.44 -25.47
CA MET A 89 3.00 2.84 -24.13
C MET A 89 2.86 1.68 -23.14
N PHE A 90 1.71 0.96 -23.18
CA PHE A 90 1.49 -0.17 -22.29
C PHE A 90 2.40 -1.34 -22.61
N LEU A 91 2.71 -1.56 -23.90
CA LEU A 91 3.63 -2.64 -24.29
C LEU A 91 5.02 -2.33 -23.74
N ARG A 92 5.45 -1.05 -23.82
CA ARG A 92 6.72 -0.54 -23.30
C ARG A 92 6.79 -0.64 -21.78
N SER A 93 5.67 -0.33 -21.09
CA SER A 93 5.54 -0.40 -19.62
C SER A 93 5.62 -1.85 -19.17
N ALA A 94 5.03 -2.77 -19.97
CA ALA A 94 5.09 -4.22 -19.76
C ALA A 94 6.53 -4.72 -19.90
N GLU A 95 7.25 -4.22 -20.92
CA GLU A 95 8.65 -4.55 -21.15
C GLU A 95 9.48 -4.15 -19.93
N ILE A 96 9.42 -2.84 -19.55
CA ILE A 96 10.12 -2.27 -18.39
C ILE A 96 9.82 -3.06 -17.13
N PHE A 97 8.53 -3.39 -16.91
CA PHE A 97 8.05 -4.18 -15.77
C PHE A 97 8.74 -5.52 -15.64
N ASN A 98 8.97 -6.20 -16.77
CA ASN A 98 9.52 -7.55 -16.81
C ASN A 98 11.05 -7.60 -16.94
N LYS A 99 11.75 -6.44 -16.83
CA LYS A 99 13.22 -6.42 -16.82
C LYS A 99 13.65 -6.93 -15.45
N LYS A 100 14.63 -7.87 -15.43
CA LYS A 100 15.20 -8.44 -14.21
C LYS A 100 15.90 -7.35 -13.40
N LEU A 101 15.56 -7.29 -12.11
CA LEU A 101 16.06 -6.34 -11.13
C LEU A 101 16.57 -7.13 -9.91
N PRO A 102 17.36 -6.53 -8.98
CA PRO A 102 17.81 -7.32 -7.79
C PRO A 102 16.63 -7.89 -6.98
N SER A 103 16.92 -8.89 -6.11
CA SER A 103 15.92 -9.55 -5.26
C SER A 103 15.07 -8.53 -4.48
N GLY A 104 13.75 -8.66 -4.59
CA GLY A 104 12.78 -7.79 -3.92
C GLY A 104 12.35 -6.53 -4.64
N HIS A 105 13.18 -6.04 -5.58
CA HIS A 105 12.96 -4.81 -6.37
C HIS A 105 11.66 -4.77 -7.18
N SER A 106 11.38 -5.84 -7.96
CA SER A 106 10.15 -5.93 -8.76
C SER A 106 8.88 -6.03 -7.91
N ASP A 107 8.99 -6.51 -6.66
CA ASP A 107 7.87 -6.56 -5.72
C ASP A 107 7.56 -5.14 -5.24
N LEU A 108 8.62 -4.33 -4.97
CA LEU A 108 8.48 -2.95 -4.52
C LEU A 108 7.98 -2.07 -5.67
N LEU A 109 8.49 -2.28 -6.89
CA LEU A 109 8.07 -1.56 -8.09
C LEU A 109 6.56 -1.74 -8.32
N GLU A 110 6.10 -3.00 -8.28
CA GLU A 110 4.71 -3.40 -8.43
C GLU A 110 3.83 -2.73 -7.36
N ALA A 111 4.30 -2.74 -6.09
CA ALA A 111 3.62 -2.15 -4.94
C ALA A 111 3.51 -0.64 -5.07
N ARG A 112 4.58 0.01 -5.56
CA ARG A 112 4.63 1.46 -5.77
C ARG A 112 3.64 1.87 -6.85
N ILE A 113 3.61 1.17 -8.02
CA ILE A 113 2.66 1.40 -9.14
C ILE A 113 1.22 1.16 -8.65
N ARG A 114 1.00 0.09 -7.85
CA ARG A 114 -0.29 -0.28 -7.26
C ARG A 114 -0.89 0.87 -6.43
N ASN A 115 -0.03 1.70 -5.77
CA ASN A 115 -0.39 2.86 -4.95
C ASN A 115 0.07 4.19 -5.57
N SER A 116 0.00 4.29 -6.91
CA SER A 116 0.41 5.51 -7.63
C SER A 116 -0.71 6.58 -7.72
N GLY A 117 -1.96 6.18 -7.52
CA GLY A 117 -3.12 7.07 -7.59
C GLY A 117 -4.24 6.53 -8.45
N ILE A 118 -3.91 5.60 -9.35
CA ILE A 118 -4.85 4.93 -10.25
C ILE A 118 -5.80 4.04 -9.42
N SER A 119 -7.07 3.93 -9.85
CA SER A 119 -8.05 3.12 -9.15
C SER A 119 -7.83 1.63 -9.33
N ASP A 120 -8.27 0.87 -8.30
CA ASP A 120 -8.17 -0.59 -8.15
C ASP A 120 -8.66 -1.37 -9.37
N GLU A 121 -9.77 -0.91 -9.97
CA GLU A 121 -10.45 -1.53 -11.11
C GLU A 121 -9.60 -1.57 -12.38
N TYR A 122 -8.53 -0.76 -12.44
CA TYR A 122 -7.62 -0.70 -13.59
C TYR A 122 -6.29 -1.37 -13.27
N ILE A 123 -6.02 -1.57 -11.96
CA ILE A 123 -4.82 -2.19 -11.41
C ILE A 123 -4.72 -3.66 -11.84
N THR A 124 -5.75 -4.46 -11.51
CA THR A 124 -5.82 -5.90 -11.78
C THR A 124 -5.75 -6.20 -13.32
N PRO A 125 -6.52 -5.56 -14.23
CA PRO A 125 -6.34 -5.86 -15.68
C PRO A 125 -4.95 -5.54 -16.22
N MET A 126 -4.35 -4.43 -15.73
CA MET A 126 -3.02 -3.91 -16.07
C MET A 126 -1.90 -4.83 -15.62
N PHE A 127 -1.96 -5.33 -14.37
CA PHE A 127 -0.94 -6.25 -13.90
C PHE A 127 -1.12 -7.66 -14.50
N SER A 128 -2.37 -8.00 -14.92
CA SER A 128 -2.67 -9.29 -15.55
C SER A 128 -1.91 -9.34 -16.88
N PHE A 129 -2.03 -8.28 -17.68
CA PHE A 129 -1.36 -8.11 -18.97
C PHE A 129 0.17 -8.11 -18.85
N TYR A 130 0.72 -7.32 -17.92
CA TYR A 130 2.17 -7.20 -17.67
C TYR A 130 2.79 -8.56 -17.37
N LYS A 131 2.12 -9.33 -16.52
CA LYS A 131 2.55 -10.65 -16.08
C LYS A 131 2.33 -11.74 -17.14
N SER A 132 1.35 -11.53 -18.05
CA SER A 132 1.06 -12.39 -19.20
C SER A 132 2.18 -12.23 -20.20
N ILE A 133 2.62 -10.98 -20.43
CA ILE A 133 3.74 -10.61 -21.29
C ILE A 133 5.04 -11.23 -20.76
N GLY A 134 5.24 -11.18 -19.45
CA GLY A 134 6.40 -11.73 -18.75
C GLY A 134 6.63 -13.22 -18.95
N GLU A 135 5.53 -14.00 -18.98
CA GLU A 135 5.56 -15.46 -19.15
C GLU A 135 6.09 -15.86 -20.53
N LEU A 136 5.99 -14.95 -21.54
CA LEU A 136 6.46 -15.15 -22.90
C LEU A 136 7.99 -15.06 -23.01
N LYS A 137 8.65 -14.44 -22.01
CA LYS A 137 10.12 -14.28 -21.96
C LYS A 137 10.69 -13.69 -23.28
N MET A 138 10.09 -12.60 -23.74
CA MET A 138 10.40 -11.90 -24.98
C MET A 138 11.76 -11.24 -24.98
N THR A 139 12.40 -11.23 -26.17
CA THR A 139 13.68 -10.57 -26.36
C THR A 139 13.39 -9.13 -26.75
N GLN A 140 14.45 -8.28 -26.73
CA GLN A 140 14.36 -6.86 -27.10
C GLN A 140 13.86 -6.69 -28.55
N GLU A 141 14.29 -7.64 -29.40
CA GLU A 141 13.94 -7.71 -30.81
C GLU A 141 12.48 -8.04 -31.02
N GLU A 142 11.91 -8.89 -30.15
CA GLU A 142 10.51 -9.30 -30.17
C GLU A 142 9.64 -8.12 -29.75
N TYR A 143 10.07 -7.34 -28.73
CA TYR A 143 9.36 -6.15 -28.28
C TYR A 143 9.37 -5.07 -29.36
N ALA A 144 10.54 -4.83 -30.01
CA ALA A 144 10.71 -3.83 -31.06
C ALA A 144 9.80 -4.11 -32.26
N LEU A 145 9.77 -5.37 -32.70
CA LEU A 145 8.96 -5.82 -33.83
C LEU A 145 7.47 -5.78 -33.52
N LEU A 146 7.08 -6.25 -32.32
CA LEU A 146 5.68 -6.21 -31.90
C LEU A 146 5.15 -4.76 -31.85
N THR A 147 5.98 -3.79 -31.40
CA THR A 147 5.66 -2.35 -31.38
C THR A 147 5.44 -1.87 -32.81
N ALA A 148 6.38 -2.19 -33.73
CA ALA A 148 6.28 -1.85 -35.16
C ALA A 148 5.00 -2.41 -35.78
N ILE A 149 4.65 -3.70 -35.46
CA ILE A 149 3.44 -4.42 -35.90
C ILE A 149 2.17 -3.76 -35.32
N VAL A 150 2.23 -3.23 -34.08
CA VAL A 150 1.14 -2.52 -33.40
C VAL A 150 0.86 -1.21 -34.18
N ILE A 151 1.93 -0.42 -34.48
CA ILE A 151 1.82 0.83 -35.22
C ILE A 151 1.23 0.61 -36.62
N LEU A 152 1.80 -0.34 -37.37
CA LEU A 152 1.37 -0.64 -38.72
C LEU A 152 0.18 -1.60 -38.77
N SER A 153 -0.83 -1.37 -37.93
CA SER A 153 -2.04 -2.19 -37.93
C SER A 153 -3.00 -1.69 -39.00
N PRO A 154 -3.29 -2.54 -40.04
CA PRO A 154 -4.20 -2.11 -41.13
C PRO A 154 -5.65 -1.97 -40.67
N ASP A 155 -6.09 -2.84 -39.74
CA ASP A 155 -7.43 -2.92 -39.16
C ASP A 155 -7.71 -1.83 -38.12
N ARG A 156 -7.13 -0.64 -38.34
CA ARG A 156 -7.24 0.55 -37.50
C ARG A 156 -8.36 1.47 -38.03
N GLN A 157 -9.04 2.17 -37.11
CA GLN A 157 -10.15 3.06 -37.44
C GLN A 157 -9.69 4.31 -38.21
N TYR A 158 -10.43 4.63 -39.29
CA TYR A 158 -10.25 5.78 -40.22
C TYR A 158 -9.19 5.53 -41.29
N ILE A 159 -8.62 4.31 -41.37
CA ILE A 159 -7.63 3.95 -42.38
C ILE A 159 -8.30 3.84 -43.75
N LYS A 160 -7.93 4.73 -44.67
CA LYS A 160 -8.49 4.81 -46.02
C LYS A 160 -7.95 3.69 -46.92
N ASP A 161 -6.62 3.50 -46.93
CA ASP A 161 -5.93 2.48 -47.72
C ASP A 161 -5.32 1.42 -46.78
N ARG A 162 -6.14 0.40 -46.46
CA ARG A 162 -5.75 -0.71 -45.60
C ARG A 162 -4.67 -1.57 -46.21
N GLU A 163 -4.74 -1.81 -47.53
CA GLU A 163 -3.79 -2.63 -48.29
C GLU A 163 -2.37 -2.04 -48.25
N ALA A 164 -2.25 -0.70 -48.24
CA ALA A 164 -0.98 0.02 -48.20
C ALA A 164 -0.26 -0.28 -46.87
N VAL A 165 -1.02 -0.33 -45.75
CA VAL A 165 -0.55 -0.62 -44.40
C VAL A 165 -0.20 -2.12 -44.29
N GLU A 166 -1.04 -3.01 -44.87
CA GLU A 166 -0.87 -4.46 -44.93
C GLU A 166 0.51 -4.80 -45.48
N LYS A 167 0.85 -4.19 -46.64
CA LYS A 167 2.13 -4.35 -47.35
C LYS A 167 3.33 -3.96 -46.50
N LEU A 168 3.14 -3.02 -45.55
CA LEU A 168 4.22 -2.57 -44.65
C LEU A 168 4.37 -3.44 -43.41
N GLN A 169 3.26 -3.99 -42.88
CA GLN A 169 3.24 -4.84 -41.69
C GLN A 169 3.68 -6.28 -41.97
N GLU A 170 3.27 -6.83 -43.15
CA GLU A 170 3.58 -8.19 -43.59
C GLU A 170 5.06 -8.56 -43.48
N PRO A 171 6.04 -7.78 -44.03
CA PRO A 171 7.44 -8.16 -43.86
C PRO A 171 7.92 -8.21 -42.41
N LEU A 172 7.36 -7.35 -41.52
CA LEU A 172 7.68 -7.30 -40.10
C LEU A 172 7.15 -8.52 -39.35
N LEU A 173 5.94 -8.97 -39.73
CA LEU A 173 5.32 -10.17 -39.16
C LEU A 173 6.13 -11.40 -39.55
N ASP A 174 6.72 -11.40 -40.77
CA ASP A 174 7.55 -12.50 -41.27
C ASP A 174 8.83 -12.64 -40.46
N VAL A 175 9.44 -11.49 -40.09
CA VAL A 175 10.66 -11.43 -39.29
C VAL A 175 10.40 -11.93 -37.85
N LEU A 176 9.31 -11.43 -37.21
CA LEU A 176 8.92 -11.85 -35.86
C LEU A 176 8.67 -13.36 -35.80
N GLN A 177 7.93 -13.91 -36.79
CA GLN A 177 7.64 -15.35 -36.92
C GLN A 177 8.94 -16.17 -36.92
N LYS A 178 9.94 -15.74 -37.73
CA LYS A 178 11.27 -16.35 -37.83
C LYS A 178 12.02 -16.29 -36.49
N LEU A 179 12.04 -15.10 -35.84
CA LEU A 179 12.68 -14.90 -34.53
C LEU A 179 12.08 -15.81 -33.47
N CYS A 180 10.76 -16.03 -33.53
CA CYS A 180 10.03 -16.91 -32.61
C CYS A 180 10.48 -18.36 -32.76
N LYS A 181 10.75 -18.80 -33.99
CA LYS A 181 11.22 -20.16 -34.28
C LYS A 181 12.68 -20.35 -33.83
N ILE A 182 13.46 -19.26 -33.82
CA ILE A 182 14.88 -19.22 -33.44
C ILE A 182 15.04 -19.17 -31.91
N HIS A 183 14.42 -18.18 -31.24
CA HIS A 183 14.52 -17.97 -29.79
C HIS A 183 13.82 -19.04 -28.94
N GLN A 184 12.63 -19.50 -29.36
CA GLN A 184 11.84 -20.50 -28.63
C GLN A 184 11.40 -21.66 -29.55
N PRO A 185 12.34 -22.49 -30.08
CA PRO A 185 11.92 -23.60 -30.96
C PRO A 185 11.15 -24.72 -30.26
N GLU A 186 11.23 -24.77 -28.92
CA GLU A 186 10.53 -25.75 -28.08
C GLU A 186 9.05 -25.37 -27.89
N ASN A 187 8.70 -24.09 -28.19
CA ASN A 187 7.34 -23.58 -28.07
C ASN A 187 6.84 -23.08 -29.45
N PRO A 188 6.13 -23.94 -30.22
CA PRO A 188 5.64 -23.54 -31.55
C PRO A 188 4.50 -22.51 -31.49
N GLN A 189 3.87 -22.40 -30.32
CA GLN A 189 2.76 -21.47 -30.05
C GLN A 189 3.23 -20.05 -29.77
N HIS A 190 4.54 -19.83 -29.60
CA HIS A 190 5.12 -18.53 -29.25
C HIS A 190 4.68 -17.38 -30.13
N PHE A 191 4.71 -17.55 -31.46
CA PHE A 191 4.29 -16.49 -32.39
C PHE A 191 2.80 -16.18 -32.22
N ALA A 192 1.95 -17.22 -32.08
CA ALA A 192 0.51 -17.08 -31.89
C ALA A 192 0.18 -16.37 -30.58
N CYS A 193 0.87 -16.73 -29.47
CA CYS A 193 0.72 -16.10 -28.14
C CYS A 193 0.96 -14.60 -28.25
N LEU A 194 2.09 -14.18 -28.89
CA LEU A 194 2.46 -12.77 -29.10
C LEU A 194 1.35 -12.01 -29.82
N LEU A 195 0.81 -12.58 -30.93
CA LEU A 195 -0.26 -11.93 -31.68
C LEU A 195 -1.57 -11.85 -30.89
N GLY A 196 -1.78 -12.83 -29.98
CA GLY A 196 -2.95 -12.91 -29.11
C GLY A 196 -2.91 -11.84 -28.04
N ARG A 197 -1.69 -11.54 -27.59
CA ARG A 197 -1.36 -10.50 -26.63
C ARG A 197 -1.71 -9.08 -27.16
N LEU A 198 -1.67 -8.87 -28.52
CA LEU A 198 -2.03 -7.63 -29.22
C LEU A 198 -3.53 -7.29 -29.10
N THR A 199 -4.36 -8.33 -28.90
CA THR A 199 -5.81 -8.20 -28.74
C THR A 199 -6.09 -7.71 -27.33
N GLU A 200 -5.30 -8.20 -26.34
CA GLU A 200 -5.41 -7.79 -24.94
C GLU A 200 -4.90 -6.33 -24.78
N LEU A 201 -3.99 -5.88 -25.67
CA LEU A 201 -3.49 -4.51 -25.71
C LEU A 201 -4.62 -3.56 -26.12
N ARG A 202 -5.46 -3.99 -27.11
CA ARG A 202 -6.61 -3.24 -27.64
C ARG A 202 -7.63 -2.89 -26.57
N THR A 203 -7.77 -3.72 -25.53
CA THR A 203 -8.70 -3.49 -24.42
C THR A 203 -8.35 -2.23 -23.58
N PHE A 204 -7.04 -1.94 -23.36
CA PHE A 204 -6.54 -0.77 -22.63
C PHE A 204 -6.83 0.54 -23.37
N ASN A 205 -6.97 0.43 -24.69
CA ASN A 205 -7.25 1.52 -25.62
C ASN A 205 -8.67 2.08 -25.40
N HIS A 206 -9.61 1.23 -24.94
CA HIS A 206 -11.00 1.61 -24.70
C HIS A 206 -11.20 2.27 -23.33
N HIS A 207 -10.33 1.95 -22.36
CA HIS A 207 -10.48 2.45 -21.00
C HIS A 207 -9.43 3.46 -20.56
N HIS A 208 -8.49 3.87 -21.48
CA HIS A 208 -7.40 4.80 -21.17
CA HIS A 208 -7.42 4.80 -21.16
C HIS A 208 -7.90 6.15 -20.62
N ALA A 209 -8.92 6.77 -21.26
CA ALA A 209 -9.47 8.05 -20.81
C ALA A 209 -10.02 7.98 -19.37
N GLU A 210 -10.72 6.90 -19.03
CA GLU A 210 -11.30 6.64 -17.72
C GLU A 210 -10.20 6.37 -16.70
N MET A 211 -9.18 5.59 -17.10
CA MET A 211 -8.01 5.19 -16.32
C MET A 211 -7.27 6.41 -15.78
N LEU A 212 -7.09 7.43 -16.64
CA LEU A 212 -6.41 8.70 -16.34
C LEU A 212 -7.26 9.63 -15.51
N MET A 213 -8.55 9.77 -15.85
CA MET A 213 -9.50 10.65 -15.14
C MET A 213 -9.92 10.11 -13.77
N SER A 214 -9.70 8.79 -13.50
CA SER A 214 -10.05 8.12 -12.23
C SER A 214 -8.92 8.30 -11.19
N TRP A 215 -7.75 8.79 -11.63
CA TRP A 215 -6.57 9.02 -10.79
C TRP A 215 -6.94 9.90 -9.61
N ARG A 216 -6.53 9.50 -8.38
CA ARG A 216 -6.80 10.20 -7.12
C ARG A 216 -6.06 11.54 -6.99
N VAL A 217 -6.36 12.46 -7.90
CA VAL A 217 -5.82 13.83 -7.94
C VAL A 217 -7.01 14.78 -8.08
N ASN A 218 -6.85 16.02 -7.64
CA ASN A 218 -7.94 17.00 -7.70
C ASN A 218 -8.10 17.57 -9.11
N ASP A 219 -6.97 17.77 -9.81
CA ASP A 219 -6.92 18.30 -11.16
C ASP A 219 -6.16 17.34 -12.08
N HIS A 220 -6.76 16.99 -13.22
CA HIS A 220 -6.13 16.12 -14.21
C HIS A 220 -5.65 17.00 -15.35
N LYS A 221 -4.45 17.58 -15.15
CA LYS A 221 -3.81 18.47 -16.12
C LYS A 221 -2.93 17.64 -17.08
N PHE A 222 -3.16 17.83 -18.39
CA PHE A 222 -2.46 17.14 -19.47
C PHE A 222 -1.81 18.14 -20.41
N THR A 223 -0.72 17.71 -21.08
CA THR A 223 0.01 18.53 -22.06
C THR A 223 -0.80 18.57 -23.36
N PRO A 224 -0.74 19.68 -24.16
CA PRO A 224 -1.50 19.71 -25.43
C PRO A 224 -1.29 18.51 -26.38
N LEU A 225 -0.09 17.89 -26.35
CA LEU A 225 0.22 16.74 -27.20
C LEU A 225 -0.57 15.50 -26.74
N LEU A 226 -0.67 15.28 -25.41
CA LEU A 226 -1.41 14.15 -24.82
C LEU A 226 -2.91 14.26 -25.11
N CYS A 227 -3.45 15.50 -25.12
CA CYS A 227 -4.85 15.77 -25.45
C CYS A 227 -5.21 15.36 -26.90
N GLU A 228 -4.19 15.29 -27.78
CA GLU A 228 -4.34 14.91 -29.18
C GLU A 228 -4.36 13.38 -29.37
N ILE A 229 -3.42 12.66 -28.72
CA ILE A 229 -3.31 11.20 -28.90
C ILE A 229 -4.28 10.45 -27.99
N TRP A 230 -4.47 10.95 -26.76
CA TRP A 230 -5.40 10.44 -25.74
C TRP A 230 -6.72 11.22 -25.85
N ASP A 231 -7.82 10.61 -25.50
CA ASP A 231 -9.09 11.32 -25.63
C ASP A 231 -9.39 12.09 -24.34
N VAL A 232 -8.52 13.08 -24.01
CA VAL A 232 -8.61 13.87 -22.77
C VAL A 232 -8.67 15.38 -23.02
N GLN A 233 -9.04 16.15 -21.98
CA GLN A 233 -9.18 17.60 -22.02
C GLN A 233 -8.35 18.27 -20.94
N ASP B 2 -8.87 17.83 -34.94
CA ASP B 2 -7.67 18.51 -35.41
C ASP B 2 -6.48 18.09 -34.56
N HIS B 3 -5.41 17.59 -35.21
CA HIS B 3 -4.21 17.11 -34.54
C HIS B 3 -3.00 17.85 -35.11
N GLN B 4 -2.92 19.17 -34.88
CA GLN B 4 -1.83 19.94 -35.49
C GLN B 4 -0.45 19.70 -34.86
N LEU B 5 -0.36 19.17 -33.61
CA LEU B 5 0.94 18.87 -33.02
C LEU B 5 1.48 17.56 -33.62
N LEU B 6 0.59 16.57 -33.84
CA LEU B 6 0.95 15.30 -34.47
C LEU B 6 1.38 15.54 -35.91
N ARG B 7 0.57 16.34 -36.65
CA ARG B 7 0.83 16.75 -38.03
C ARG B 7 2.17 17.47 -38.10
N TYR B 8 2.45 18.38 -37.13
CA TYR B 8 3.71 19.12 -37.10
C TYR B 8 4.89 18.16 -36.92
N LEU B 9 4.78 17.24 -35.94
CA LEU B 9 5.83 16.26 -35.65
C LEU B 9 6.07 15.29 -36.80
N LEU B 10 5.02 14.96 -37.58
CA LEU B 10 5.11 14.06 -38.74
C LEU B 10 5.80 14.67 -39.96
N ASP B 11 5.60 15.99 -40.20
CA ASP B 11 6.16 16.73 -41.34
C ASP B 11 7.33 17.66 -40.92
N LYS B 12 8.21 17.20 -40.01
CA LYS B 12 9.37 17.94 -39.46
C LYS B 12 9.00 18.87 -38.30
N MET C 4 -8.08 -0.04 -0.24
CA MET C 4 -8.97 1.09 -0.50
C MET C 4 -8.71 2.27 0.46
N GLU C 5 -9.16 3.50 0.07
CA GLU C 5 -9.04 4.69 0.90
C GLU C 5 -10.32 4.89 1.72
N LEU C 6 -10.22 5.55 2.90
CA LEU C 6 -11.33 5.79 3.84
C LEU C 6 -12.51 6.56 3.23
N THR C 7 -13.73 6.18 3.62
CA THR C 7 -14.96 6.86 3.18
C THR C 7 -15.18 8.08 4.11
N PRO C 8 -16.02 9.08 3.73
CA PRO C 8 -16.29 10.22 4.64
C PRO C 8 -16.74 9.77 6.04
N ASP C 9 -17.59 8.72 6.11
CA ASP C 9 -18.10 8.12 7.35
C ASP C 9 -16.98 7.51 8.18
N GLN C 10 -16.03 6.80 7.53
CA GLN C 10 -14.90 6.18 8.21
C GLN C 10 -13.97 7.25 8.75
N GLN C 11 -13.73 8.33 7.96
CA GLN C 11 -12.90 9.47 8.35
C GLN C 11 -13.51 10.19 9.56
N THR C 12 -14.85 10.28 9.62
CA THR C 12 -15.61 10.87 10.73
C THR C 12 -15.43 9.99 11.98
N LEU C 13 -15.60 8.66 11.85
CA LEU C 13 -15.41 7.66 12.90
C LEU C 13 -13.97 7.70 13.45
N LEU C 14 -12.95 7.76 12.56
CA LEU C 14 -11.54 7.84 12.93
C LEU C 14 -11.24 9.11 13.74
N HIS C 15 -11.75 10.30 13.33
CA HIS C 15 -11.53 11.56 14.06
C HIS C 15 -12.18 11.53 15.43
N PHE C 16 -13.35 10.88 15.52
CA PHE C 16 -14.08 10.70 16.76
C PHE C 16 -13.32 9.78 17.74
N ILE C 17 -12.74 8.65 17.24
CA ILE C 17 -11.94 7.69 18.02
C ILE C 17 -10.68 8.43 18.49
N MET C 18 -10.06 9.21 17.59
CA MET C 18 -8.84 9.97 17.90
C MET C 18 -9.03 10.97 19.02
N ASP C 19 -10.09 11.80 18.97
CA ASP C 19 -10.38 12.80 20.00
C ASP C 19 -10.52 12.19 21.38
N SER C 20 -11.23 11.04 21.48
CA SER C 20 -11.44 10.31 22.73
C SER C 20 -10.11 9.73 23.23
N TYR C 21 -9.30 9.18 22.30
CA TYR C 21 -7.99 8.61 22.60
C TYR C 21 -7.01 9.63 23.17
N ASN C 22 -7.04 10.89 22.68
CA ASN C 22 -6.14 11.95 23.13
C ASN C 22 -6.50 12.57 24.49
N LYS C 23 -7.64 12.13 25.09
CA LYS C 23 -8.07 12.57 26.42
C LYS C 23 -7.23 11.87 27.50
N GLN C 24 -6.29 11.00 27.07
CA GLN C 24 -5.37 10.25 27.91
C GLN C 24 -4.23 11.15 28.34
N ARG C 25 -3.62 10.82 29.50
CA ARG C 25 -2.48 11.48 30.09
C ARG C 25 -1.34 11.48 29.06
N MET C 26 -0.76 12.67 28.78
CA MET C 26 0.28 12.85 27.78
C MET C 26 1.52 11.97 27.98
N PRO C 27 2.03 11.30 26.92
CA PRO C 27 3.27 10.51 27.06
C PRO C 27 4.41 11.26 27.77
N GLN C 28 4.62 12.55 27.40
CA GLN C 28 5.64 13.43 27.98
C GLN C 28 5.50 13.60 29.50
N GLU C 29 4.27 13.64 30.02
CA GLU C 29 3.98 13.75 31.46
C GLU C 29 4.50 12.52 32.25
N ILE C 30 4.47 11.33 31.63
CA ILE C 30 4.92 10.06 32.20
C ILE C 30 6.47 9.91 32.14
N THR C 31 7.05 10.07 30.94
CA THR C 31 8.48 9.94 30.70
C THR C 31 9.29 11.01 31.42
N ASN C 32 8.76 12.25 31.55
CA ASN C 32 9.42 13.34 32.28
C ASN C 32 9.61 12.97 33.76
N LYS C 33 8.58 12.35 34.38
CA LYS C 33 8.63 11.95 35.78
C LYS C 33 9.67 10.86 36.03
N ILE C 34 9.71 9.84 35.15
CA ILE C 34 10.64 8.71 35.24
C ILE C 34 12.07 9.17 35.03
N LEU C 35 12.31 10.00 33.98
CA LEU C 35 13.63 10.52 33.60
C LEU C 35 14.22 11.56 34.57
N LYS C 36 13.37 12.36 35.25
CA LYS C 36 13.77 13.43 36.18
C LYS C 36 14.69 12.95 37.31
N GLU C 37 14.22 11.97 38.07
CA GLU C 37 14.94 11.40 39.20
C GLU C 37 14.61 9.92 39.33
N ALA C 38 15.50 9.15 39.95
CA ALA C 38 15.30 7.73 40.20
C ALA C 38 14.50 7.61 41.50
N PHE C 39 13.62 6.61 41.56
CA PHE C 39 12.77 6.35 42.72
C PHE C 39 12.99 4.93 43.25
N SER C 40 12.65 4.69 44.52
CA SER C 40 12.73 3.34 45.11
C SER C 40 11.57 2.50 44.55
N ALA C 41 11.62 1.17 44.75
CA ALA C 41 10.58 0.24 44.32
C ALA C 41 9.21 0.57 44.95
N GLU C 42 9.22 1.08 46.20
CA GLU C 42 8.03 1.48 46.95
C GLU C 42 7.37 2.71 46.29
N GLU C 43 8.19 3.70 45.89
CA GLU C 43 7.74 4.94 45.22
C GLU C 43 7.19 4.64 43.83
N ASN C 44 7.87 3.74 43.08
CA ASN C 44 7.48 3.34 41.72
C ASN C 44 6.19 2.53 41.69
N PHE C 45 6.03 1.59 42.65
CA PHE C 45 4.82 0.78 42.77
C PHE C 45 3.60 1.68 42.95
N LEU C 46 3.79 2.76 43.73
CA LEU C 46 2.80 3.79 44.02
C LEU C 46 2.49 4.63 42.78
N ILE C 47 3.54 4.98 42.00
CA ILE C 47 3.44 5.72 40.73
C ILE C 47 2.62 4.88 39.75
N LEU C 48 2.92 3.56 39.68
CA LEU C 48 2.25 2.57 38.81
C LEU C 48 0.75 2.47 39.08
N THR C 49 0.34 2.35 40.36
CA THR C 49 -1.06 2.21 40.76
C THR C 49 -1.87 3.47 40.44
N GLU C 50 -1.28 4.66 40.61
CA GLU C 50 -1.92 5.94 40.29
C GLU C 50 -2.03 6.09 38.77
N MET C 51 -0.95 5.70 38.06
CA MET C 51 -0.92 5.72 36.58
C MET C 51 -2.03 4.83 36.06
N ALA C 52 -2.09 3.58 36.56
CA ALA C 52 -3.08 2.58 36.19
C ALA C 52 -4.50 2.95 36.57
N THR C 53 -4.73 3.63 37.73
CA THR C 53 -6.06 4.06 38.17
C THR C 53 -6.58 5.15 37.21
N ASN C 54 -5.73 6.17 36.88
CA ASN C 54 -6.10 7.21 35.93
C ASN C 54 -6.41 6.60 34.57
N HIS C 55 -5.53 5.69 34.10
CA HIS C 55 -5.65 4.97 32.83
C HIS C 55 -7.01 4.26 32.68
N VAL C 56 -7.46 3.51 33.73
CA VAL C 56 -8.74 2.77 33.72
C VAL C 56 -9.92 3.74 33.65
N GLN C 57 -9.87 4.84 34.41
CA GLN C 57 -10.91 5.88 34.43
C GLN C 57 -11.09 6.46 33.01
N VAL C 58 -9.98 6.81 32.36
CA VAL C 58 -9.97 7.39 31.01
C VAL C 58 -10.39 6.32 29.96
N LEU C 59 -10.05 5.04 30.25
CA LEU C 59 -10.40 3.91 29.38
C LEU C 59 -11.92 3.67 29.36
N VAL C 60 -12.61 3.78 30.51
CA VAL C 60 -14.06 3.61 30.60
C VAL C 60 -14.77 4.68 29.75
N GLU C 61 -14.25 5.92 29.78
CA GLU C 61 -14.77 7.05 29.02
C GLU C 61 -14.59 6.85 27.52
N PHE C 62 -13.41 6.35 27.09
CA PHE C 62 -13.09 6.02 25.69
C PHE C 62 -14.00 4.91 25.17
N THR C 63 -14.12 3.82 25.96
CA THR C 63 -14.95 2.63 25.73
C THR C 63 -16.43 3.00 25.56
N LYS C 64 -16.98 3.85 26.46
CA LYS C 64 -18.39 4.28 26.41
C LYS C 64 -18.69 5.03 25.11
N LYS C 65 -17.68 5.74 24.58
CA LYS C 65 -17.79 6.53 23.34
C LYS C 65 -17.64 5.67 22.09
N LEU C 66 -17.21 4.38 22.21
CA LEU C 66 -17.08 3.49 21.05
C LEU C 66 -18.47 3.22 20.47
N PRO C 67 -18.68 3.43 19.15
CA PRO C 67 -20.02 3.23 18.57
C PRO C 67 -20.65 1.87 18.87
N GLY C 68 -21.87 1.93 19.40
CA GLY C 68 -22.66 0.77 19.77
C GLY C 68 -22.36 0.15 21.12
N PHE C 69 -21.31 0.62 21.83
CA PHE C 69 -20.94 0.04 23.12
C PHE C 69 -22.08 0.11 24.16
N GLN C 70 -22.79 1.22 24.20
CA GLN C 70 -23.88 1.46 25.16
C GLN C 70 -25.13 0.61 24.88
N THR C 71 -25.26 0.07 23.64
CA THR C 71 -26.38 -0.80 23.23
C THR C 71 -26.11 -2.25 23.69
N LEU C 72 -24.88 -2.56 24.10
CA LEU C 72 -24.51 -3.90 24.57
C LEU C 72 -25.14 -4.25 25.92
N ASP C 73 -25.27 -5.56 26.21
CA ASP C 73 -25.76 -6.10 27.47
C ASP C 73 -24.79 -5.62 28.55
N HIS C 74 -25.34 -5.09 29.65
CA HIS C 74 -24.58 -4.49 30.75
C HIS C 74 -23.57 -5.41 31.38
N GLU C 75 -23.86 -6.72 31.47
CA GLU C 75 -22.94 -7.71 32.03
C GLU C 75 -21.79 -7.98 31.05
N ASP C 76 -22.09 -7.90 29.75
CA ASP C 76 -21.10 -8.06 28.68
C ASP C 76 -20.20 -6.82 28.62
N GLN C 77 -20.75 -5.63 28.91
CA GLN C 77 -20.02 -4.36 28.98
C GLN C 77 -18.92 -4.43 30.04
N ILE C 78 -19.23 -5.00 31.23
CA ILE C 78 -18.27 -5.17 32.33
C ILE C 78 -17.20 -6.19 31.94
N ALA C 79 -17.62 -7.33 31.34
CA ALA C 79 -16.72 -8.41 30.89
C ALA C 79 -15.68 -7.91 29.88
N LEU C 80 -16.08 -7.02 28.93
CA LEU C 80 -15.20 -6.41 27.93
C LEU C 80 -14.15 -5.51 28.58
N LEU C 81 -14.59 -4.66 29.52
CA LEU C 81 -13.73 -3.74 30.27
C LEU C 81 -12.74 -4.49 31.13
N LYS C 82 -13.24 -5.49 31.90
CA LYS C 82 -12.43 -6.35 32.74
C LYS C 82 -11.40 -7.15 31.93
N GLY C 83 -11.81 -7.62 30.77
CA GLY C 83 -10.99 -8.39 29.85
C GLY C 83 -9.93 -7.63 29.09
N SER C 84 -10.13 -6.31 28.87
CA SER C 84 -9.20 -5.50 28.08
C SER C 84 -8.31 -4.52 28.84
N ALA C 85 -8.65 -4.16 30.10
CA ALA C 85 -7.94 -3.15 30.89
C ALA C 85 -6.42 -3.33 31.02
N VAL C 86 -5.93 -4.56 31.30
CA VAL C 86 -4.50 -4.82 31.40
C VAL C 86 -3.84 -4.67 30.01
N GLU C 87 -4.44 -5.30 29.00
CA GLU C 87 -3.96 -5.30 27.62
C GLU C 87 -3.81 -3.88 27.07
N ALA C 88 -4.82 -3.04 27.31
CA ALA C 88 -4.88 -1.64 26.92
C ALA C 88 -3.75 -0.81 27.57
N MET C 89 -3.44 -1.11 28.86
CA MET C 89 -2.37 -0.42 29.58
C MET C 89 -1.01 -0.74 28.97
N PHE C 90 -0.75 -2.02 28.64
CA PHE C 90 0.52 -2.43 28.05
C PHE C 90 0.68 -1.90 26.65
N LEU C 91 -0.41 -1.83 25.87
CA LEU C 91 -0.36 -1.28 24.52
C LEU C 91 0.00 0.21 24.58
N ARG C 92 -0.59 0.95 25.55
CA ARG C 92 -0.35 2.37 25.83
C ARG C 92 1.09 2.61 26.29
N SER C 93 1.63 1.71 27.15
CA SER C 93 3.01 1.76 27.67
C SER C 93 3.99 1.53 26.53
N ALA C 94 3.65 0.62 25.57
CA ALA C 94 4.43 0.34 24.37
C ALA C 94 4.46 1.55 23.46
N GLU C 95 3.32 2.26 23.32
CA GLU C 95 3.19 3.49 22.54
C GLU C 95 4.13 4.58 23.11
N ILE C 96 3.98 4.89 24.43
CA ILE C 96 4.78 5.86 25.16
C ILE C 96 6.27 5.54 25.02
N PHE C 97 6.66 4.28 25.19
CA PHE C 97 8.06 3.87 25.04
C PHE C 97 8.66 4.17 23.65
N ASN C 98 7.84 4.08 22.59
CA ASN C 98 8.31 4.27 21.22
C ASN C 98 8.20 5.72 20.72
N LYS C 99 7.82 6.66 21.60
CA LYS C 99 7.81 8.08 21.25
C LYS C 99 9.28 8.55 21.22
N LYS C 100 9.66 9.27 20.13
CA LYS C 100 11.01 9.80 19.95
C LYS C 100 11.31 10.83 21.04
N LEU C 101 12.47 10.65 21.69
CA LEU C 101 13.00 11.49 22.76
C LEU C 101 14.42 11.93 22.39
N PRO C 102 15.02 12.98 23.03
CA PRO C 102 16.42 13.35 22.70
C PRO C 102 17.41 12.18 22.87
N SER C 103 18.59 12.29 22.23
CA SER C 103 19.63 11.25 22.26
C SER C 103 19.96 10.80 23.69
N GLY C 104 19.90 9.48 23.92
CA GLY C 104 20.20 8.88 25.21
C GLY C 104 19.04 8.71 26.18
N HIS C 105 17.97 9.52 26.01
CA HIS C 105 16.76 9.53 26.85
C HIS C 105 16.02 8.18 26.96
N SER C 106 15.75 7.53 25.80
CA SER C 106 15.07 6.22 25.77
C SER C 106 15.89 5.10 26.39
N ASP C 107 17.23 5.23 26.40
CA ASP C 107 18.13 4.28 27.05
C ASP C 107 18.02 4.40 28.56
N LEU C 108 17.91 5.66 29.07
CA LEU C 108 17.76 5.93 30.49
C LEU C 108 16.38 5.52 30.97
N LEU C 109 15.33 5.81 30.18
CA LEU C 109 13.95 5.45 30.47
C LEU C 109 13.83 3.93 30.68
N GLU C 110 14.36 3.14 29.72
CA GLU C 110 14.38 1.69 29.75
C GLU C 110 15.10 1.21 31.01
N ALA C 111 16.29 1.77 31.29
CA ALA C 111 17.12 1.42 32.45
C ALA C 111 16.39 1.69 33.77
N ARG C 112 15.68 2.83 33.84
CA ARG C 112 14.90 3.22 35.01
C ARG C 112 13.74 2.22 35.25
N ILE C 113 12.96 1.88 34.20
CA ILE C 113 11.86 0.90 34.22
C ILE C 113 12.43 -0.50 34.61
N ARG C 114 13.58 -0.94 34.04
CA ARG C 114 14.21 -2.23 34.39
C ARG C 114 14.51 -2.35 35.89
N ASN C 115 14.80 -1.21 36.56
CA ASN C 115 15.06 -1.13 38.01
C ASN C 115 13.92 -0.46 38.79
N SER C 116 12.66 -0.66 38.36
CA SER C 116 11.49 -0.08 39.03
C SER C 116 10.97 -0.90 40.22
N GLY C 117 11.34 -2.17 40.29
CA GLY C 117 10.92 -3.06 41.37
C GLY C 117 10.39 -4.40 40.88
N ILE C 118 9.93 -4.41 39.62
CA ILE C 118 9.40 -5.58 38.93
C ILE C 118 10.56 -6.57 38.69
N SER C 119 10.28 -7.88 38.79
CA SER C 119 11.32 -8.89 38.59
C SER C 119 11.74 -9.00 37.12
N ASP C 120 13.03 -9.32 36.86
CA ASP C 120 13.57 -9.42 35.50
C ASP C 120 12.85 -10.42 34.61
N GLU C 121 12.29 -11.53 35.18
CA GLU C 121 11.55 -12.51 34.38
C GLU C 121 10.34 -11.91 33.63
N TYR C 122 9.88 -10.72 34.04
CA TYR C 122 8.77 -10.01 33.41
C TYR C 122 9.23 -8.80 32.60
N ILE C 123 10.41 -8.23 32.95
CA ILE C 123 11.00 -7.05 32.31
C ILE C 123 11.47 -7.34 30.88
N THR C 124 12.21 -8.45 30.66
CA THR C 124 12.71 -8.83 29.34
C THR C 124 11.53 -9.07 28.36
N PRO C 125 10.48 -9.91 28.65
CA PRO C 125 9.36 -10.06 27.68
C PRO C 125 8.66 -8.75 27.34
N MET C 126 8.49 -7.86 28.34
CA MET C 126 7.83 -6.57 28.22
C MET C 126 8.58 -5.66 27.27
N PHE C 127 9.90 -5.53 27.46
CA PHE C 127 10.76 -4.69 26.63
C PHE C 127 10.93 -5.26 25.22
N SER C 128 10.90 -6.59 25.09
CA SER C 128 10.97 -7.30 23.82
C SER C 128 9.74 -6.90 22.96
N PHE C 129 8.53 -6.91 23.58
CA PHE C 129 7.26 -6.53 22.96
C PHE C 129 7.23 -5.03 22.58
N TYR C 130 7.67 -4.14 23.48
CA TYR C 130 7.71 -2.69 23.25
C TYR C 130 8.58 -2.36 22.03
N LYS C 131 9.73 -3.05 21.89
CA LYS C 131 10.65 -2.86 20.76
C LYS C 131 10.14 -3.54 19.48
N SER C 132 9.31 -4.58 19.63
CA SER C 132 8.66 -5.30 18.52
C SER C 132 7.56 -4.39 17.96
N ILE C 133 6.81 -3.72 18.85
CA ILE C 133 5.76 -2.74 18.53
C ILE C 133 6.40 -1.54 17.78
N GLY C 134 7.57 -1.09 18.24
CA GLY C 134 8.32 0.02 17.67
C GLY C 134 8.75 -0.18 16.23
N GLU C 135 9.11 -1.42 15.85
CA GLU C 135 9.53 -1.77 14.49
C GLU C 135 8.39 -1.64 13.47
N LEU C 136 7.14 -1.69 13.96
CA LEU C 136 5.94 -1.53 13.13
C LEU C 136 5.71 -0.07 12.73
N LYS C 137 6.36 0.90 13.41
CA LYS C 137 6.27 2.35 13.16
C LYS C 137 4.81 2.82 13.05
N MET C 138 3.99 2.44 14.05
CA MET C 138 2.56 2.74 14.14
C MET C 138 2.26 4.20 14.34
N THR C 139 1.17 4.67 13.73
CA THR C 139 0.69 6.03 13.87
C THR C 139 -0.23 6.05 15.08
N GLN C 140 -0.52 7.26 15.59
CA GLN C 140 -1.41 7.41 16.73
C GLN C 140 -2.79 6.83 16.44
N GLU C 141 -3.26 6.95 15.18
CA GLU C 141 -4.52 6.42 14.67
C GLU C 141 -4.56 4.89 14.70
N GLU C 142 -3.40 4.25 14.43
CA GLU C 142 -3.24 2.79 14.47
C GLU C 142 -3.29 2.30 15.92
N TYR C 143 -2.69 3.05 16.85
CA TYR C 143 -2.73 2.76 18.29
C TYR C 143 -4.16 2.90 18.83
N ALA C 144 -4.85 3.98 18.47
CA ALA C 144 -6.24 4.26 18.90
C ALA C 144 -7.19 3.16 18.46
N LEU C 145 -7.09 2.75 17.20
CA LEU C 145 -7.93 1.70 16.62
C LEU C 145 -7.62 0.32 17.21
N LEU C 146 -6.33 -0.02 17.36
CA LEU C 146 -5.93 -1.29 17.95
C LEU C 146 -6.47 -1.42 19.40
N THR C 147 -6.45 -0.29 20.18
CA THR C 147 -7.00 -0.23 21.54
C THR C 147 -8.51 -0.51 21.48
N ALA C 148 -9.25 0.17 20.58
CA ALA C 148 -10.68 -0.02 20.35
C ALA C 148 -11.00 -1.49 20.00
N ILE C 149 -10.19 -2.10 19.12
CA ILE C 149 -10.27 -3.50 18.67
C ILE C 149 -9.97 -4.48 19.84
N VAL C 150 -9.05 -4.11 20.76
CA VAL C 150 -8.71 -4.88 21.97
C VAL C 150 -9.94 -4.90 22.92
N ILE C 151 -10.54 -3.73 23.17
CA ILE C 151 -11.73 -3.58 24.01
C ILE C 151 -12.90 -4.40 23.44
N LEU C 152 -13.20 -4.23 22.14
CA LEU C 152 -14.30 -4.92 21.51
C LEU C 152 -13.94 -6.31 21.00
N SER C 153 -13.26 -7.11 21.82
CA SER C 153 -12.87 -8.47 21.48
C SER C 153 -14.03 -9.40 21.80
N PRO C 154 -14.61 -10.05 20.76
CA PRO C 154 -15.76 -10.96 20.98
C PRO C 154 -15.40 -12.22 21.74
N ASP C 155 -14.21 -12.75 21.48
CA ASP C 155 -13.64 -13.98 22.03
C ASP C 155 -13.13 -13.80 23.50
N ARG C 156 -13.83 -12.95 24.27
CA ARG C 156 -13.54 -12.61 25.65
C ARG C 156 -14.35 -13.49 26.62
N GLN C 157 -13.78 -13.82 27.79
CA GLN C 157 -14.41 -14.66 28.79
C GLN C 157 -15.65 -14.01 29.43
N TYR C 158 -16.75 -14.80 29.53
CA TYR C 158 -18.07 -14.47 30.10
C TYR C 158 -18.98 -13.67 29.14
N ILE C 159 -18.55 -13.46 27.88
CA ILE C 159 -19.34 -12.77 26.87
C ILE C 159 -20.52 -13.66 26.45
N LYS C 160 -21.74 -13.19 26.75
CA LYS C 160 -22.98 -13.91 26.46
C LYS C 160 -23.34 -13.84 24.98
N ASP C 161 -23.27 -12.63 24.39
CA ASP C 161 -23.59 -12.37 22.98
C ASP C 161 -22.31 -11.95 22.24
N ARG C 162 -21.58 -12.96 21.72
CA ARG C 162 -20.34 -12.82 20.96
CA ARG C 162 -20.34 -12.81 20.96
C ARG C 162 -20.56 -12.04 19.64
N GLU C 163 -21.66 -12.37 18.95
CA GLU C 163 -22.03 -11.78 17.66
C GLU C 163 -22.28 -10.28 17.76
N ALA C 164 -22.84 -9.80 18.90
CA ALA C 164 -23.13 -8.38 19.16
C ALA C 164 -21.84 -7.58 19.20
N VAL C 165 -20.77 -8.16 19.80
CA VAL C 165 -19.44 -7.57 19.92
C VAL C 165 -18.75 -7.60 18.55
N GLU C 166 -18.88 -8.74 17.81
CA GLU C 166 -18.33 -8.92 16.45
C GLU C 166 -18.76 -7.77 15.54
N LYS C 167 -20.07 -7.46 15.54
CA LYS C 167 -20.71 -6.39 14.76
C LYS C 167 -20.14 -5.01 15.07
N LEU C 168 -19.63 -4.82 16.31
CA LEU C 168 -19.03 -3.55 16.73
C LEU C 168 -17.55 -3.43 16.40
N GLN C 169 -16.82 -4.55 16.43
CA GLN C 169 -15.39 -4.61 16.14
C GLN C 169 -15.09 -4.60 14.64
N GLU C 170 -15.94 -5.27 13.82
CA GLU C 170 -15.82 -5.37 12.35
C GLU C 170 -15.62 -4.01 11.65
N PRO C 171 -16.45 -2.96 11.87
CA PRO C 171 -16.18 -1.67 11.20
C PRO C 171 -14.85 -1.03 11.58
N LEU C 172 -14.36 -1.25 12.82
CA LEU C 172 -13.09 -0.73 13.32
C LEU C 172 -11.91 -1.46 12.68
N LEU C 173 -12.04 -2.78 12.48
CA LEU C 173 -11.04 -3.60 11.82
C LEU C 173 -10.90 -3.20 10.37
N ASP C 174 -12.02 -2.77 9.73
CA ASP C 174 -12.05 -2.31 8.34
C ASP C 174 -11.27 -1.04 8.19
N VAL C 175 -11.40 -0.10 9.16
CA VAL C 175 -10.71 1.19 9.17
C VAL C 175 -9.18 0.97 9.36
N LEU C 176 -8.78 0.13 10.35
CA LEU C 176 -7.37 -0.18 10.61
C LEU C 176 -6.70 -0.82 9.39
N GLN C 177 -7.38 -1.79 8.74
CA GLN C 177 -6.92 -2.47 7.53
C GLN C 177 -6.61 -1.44 6.43
N LYS C 178 -7.54 -0.45 6.21
CA LYS C 178 -7.39 0.65 5.24
C LYS C 178 -6.20 1.53 5.59
N LEU C 179 -6.06 1.94 6.86
CA LEU C 179 -4.95 2.77 7.34
C LEU C 179 -3.61 2.10 7.13
N CYS C 180 -3.57 0.77 7.29
CA CYS C 180 -2.37 -0.05 7.08
C CYS C 180 -1.94 -0.03 5.62
N LYS C 181 -2.91 -0.04 4.68
CA LYS C 181 -2.65 0.01 3.24
C LYS C 181 -2.16 1.40 2.82
N ILE C 182 -2.59 2.44 3.55
CA ILE C 182 -2.27 3.85 3.29
C ILE C 182 -0.88 4.21 3.85
N HIS C 183 -0.66 3.97 5.16
CA HIS C 183 0.58 4.31 5.86
C HIS C 183 1.79 3.46 5.47
N GLN C 184 1.60 2.15 5.26
CA GLN C 184 2.67 1.22 4.88
C GLN C 184 2.30 0.36 3.65
N PRO C 185 2.14 0.96 2.44
CA PRO C 185 1.77 0.15 1.25
C PRO C 185 2.87 -0.81 0.77
N GLU C 186 4.12 -0.56 1.21
CA GLU C 186 5.29 -1.37 0.88
C GLU C 186 5.34 -2.65 1.74
N ASN C 187 4.57 -2.68 2.85
CA ASN C 187 4.49 -3.82 3.76
C ASN C 187 3.04 -4.36 3.83
N PRO C 188 2.70 -5.39 3.01
CA PRO C 188 1.32 -5.93 3.01
C PRO C 188 0.99 -6.72 4.27
N GLN C 189 2.03 -7.12 5.01
CA GLN C 189 1.94 -7.89 6.25
C GLN C 189 1.60 -7.03 7.47
N HIS C 190 1.64 -5.69 7.32
CA HIS C 190 1.42 -4.73 8.40
C HIS C 190 0.15 -4.96 9.21
N PHE C 191 -1.00 -5.17 8.53
CA PHE C 191 -2.26 -5.41 9.22
C PHE C 191 -2.22 -6.73 10.03
N ALA C 192 -1.66 -7.79 9.44
CA ALA C 192 -1.49 -9.10 10.08
C ALA C 192 -0.58 -9.01 11.31
N CYS C 193 0.56 -8.29 11.21
CA CYS C 193 1.50 -8.05 12.31
C CYS C 193 0.77 -7.41 13.51
N LEU C 194 -0.11 -6.43 13.25
CA LEU C 194 -0.92 -5.69 14.25
C LEU C 194 -1.89 -6.62 15.00
N LEU C 195 -2.54 -7.53 14.27
CA LEU C 195 -3.45 -8.51 14.85
C LEU C 195 -2.70 -9.61 15.62
N GLY C 196 -1.46 -9.89 15.22
CA GLY C 196 -0.55 -10.83 15.86
C GLY C 196 -0.11 -10.36 17.23
N ARG C 197 0.05 -9.01 17.39
CA ARG C 197 0.42 -8.30 18.63
C ARG C 197 -0.67 -8.44 19.70
N LEU C 198 -1.90 -8.65 19.25
CA LEU C 198 -3.06 -8.82 20.13
C LEU C 198 -3.02 -10.14 20.89
N THR C 199 -2.39 -11.16 20.31
CA THR C 199 -2.22 -12.49 20.91
C THR C 199 -1.11 -12.40 21.97
N GLU C 200 -0.07 -11.58 21.70
CA GLU C 200 1.04 -11.32 22.61
C GLU C 200 0.55 -10.58 23.85
N LEU C 201 -0.32 -9.56 23.65
CA LEU C 201 -0.94 -8.76 24.70
C LEU C 201 -1.70 -9.67 25.65
N ARG C 202 -2.31 -10.74 25.13
CA ARG C 202 -3.04 -11.68 25.97
C ARG C 202 -2.13 -12.39 26.99
N THR C 203 -0.85 -12.66 26.68
CA THR C 203 0.03 -13.34 27.63
C THR C 203 0.38 -12.47 28.82
N PHE C 204 0.55 -11.15 28.60
CA PHE C 204 0.84 -10.19 29.66
C PHE C 204 -0.30 -10.14 30.68
N ASN C 205 -1.52 -10.37 30.18
CA ASN C 205 -2.76 -10.39 30.95
C ASN C 205 -2.83 -11.65 31.83
N HIS C 206 -2.34 -12.81 31.32
CA HIS C 206 -2.37 -14.06 32.07
C HIS C 206 -1.48 -14.01 33.31
N HIS C 207 -0.34 -13.31 33.19
CA HIS C 207 0.66 -13.18 34.24
C HIS C 207 0.72 -11.81 34.94
N HIS C 208 -0.33 -10.96 34.78
CA HIS C 208 -0.35 -9.61 35.37
CA HIS C 208 -0.34 -9.62 35.37
C HIS C 208 -0.35 -9.64 36.90
N ALA C 209 -1.12 -10.55 37.53
CA ALA C 209 -1.18 -10.61 39.00
C ALA C 209 0.15 -11.05 39.60
N GLU C 210 0.86 -11.99 38.94
CA GLU C 210 2.19 -12.45 39.37
C GLU C 210 3.17 -11.29 39.22
N MET C 211 3.09 -10.56 38.09
CA MET C 211 3.92 -9.41 37.71
C MET C 211 3.88 -8.33 38.79
N LEU C 212 2.67 -8.04 39.32
CA LEU C 212 2.41 -7.03 40.34
C LEU C 212 2.80 -7.48 41.73
N MET C 213 2.49 -8.75 42.08
CA MET C 213 2.80 -9.34 43.38
C MET C 213 4.29 -9.72 43.54
N SER C 214 5.06 -9.79 42.44
CA SER C 214 6.51 -10.09 42.42
C SER C 214 7.35 -8.82 42.66
N TRP C 215 6.70 -7.64 42.61
CA TRP C 215 7.31 -6.33 42.82
C TRP C 215 8.04 -6.31 44.16
N ARG C 216 9.31 -5.85 44.16
CA ARG C 216 10.17 -5.79 45.35
C ARG C 216 9.72 -4.70 46.36
N VAL C 217 8.47 -4.82 46.84
CA VAL C 217 7.79 -3.98 47.83
C VAL C 217 7.25 -4.92 48.94
N ASN C 218 7.17 -4.44 50.20
CA ASN C 218 6.70 -5.24 51.33
C ASN C 218 5.17 -5.37 51.34
N ASP C 219 4.48 -4.27 51.00
CA ASP C 219 3.04 -4.21 50.96
C ASP C 219 2.57 -3.87 49.55
N HIS C 220 1.66 -4.69 49.03
CA HIS C 220 1.09 -4.55 47.70
C HIS C 220 -0.30 -3.97 47.83
N LYS C 221 -0.34 -2.64 48.04
CA LYS C 221 -1.57 -1.89 48.22
C LYS C 221 -2.10 -1.39 46.88
N PHE C 222 -3.37 -1.73 46.59
CA PHE C 222 -4.09 -1.37 45.38
C PHE C 222 -5.34 -0.58 45.73
N THR C 223 -5.77 0.32 44.83
CA THR C 223 -6.97 1.14 44.99
C THR C 223 -8.21 0.26 44.76
N PRO C 224 -9.39 0.53 45.41
CA PRO C 224 -10.58 -0.31 45.16
C PRO C 224 -10.99 -0.50 43.70
N LEU C 225 -10.71 0.48 42.82
CA LEU C 225 -11.01 0.38 41.39
C LEU C 225 -10.11 -0.66 40.71
N LEU C 226 -8.79 -0.69 41.06
CA LEU C 226 -7.83 -1.64 40.52
C LEU C 226 -8.17 -3.07 40.94
N CYS C 227 -8.69 -3.26 42.17
CA CYS C 227 -9.12 -4.56 42.69
C CYS C 227 -10.28 -5.15 41.91
N GLU C 228 -11.05 -4.29 41.20
CA GLU C 228 -12.16 -4.68 40.35
C GLU C 228 -11.71 -5.14 38.96
N ILE C 229 -10.81 -4.38 38.30
CA ILE C 229 -10.34 -4.72 36.95
C ILE C 229 -9.18 -5.73 36.98
N TRP C 230 -8.30 -5.65 37.98
CA TRP C 230 -7.16 -6.55 38.07
C TRP C 230 -7.38 -7.84 38.86
N ASP C 231 -8.33 -7.83 39.81
CA ASP C 231 -8.62 -8.95 40.70
C ASP C 231 -7.39 -9.27 41.57
N VAL C 232 -7.11 -8.32 42.47
CA VAL C 232 -6.03 -8.32 43.44
C VAL C 232 -6.65 -8.01 44.81
N GLN C 233 -5.96 -8.39 45.93
CA GLN C 233 -6.40 -8.23 47.32
C GLN C 233 -7.68 -9.00 47.64
N HIS D 3 -18.83 -5.43 40.79
CA HIS D 3 -18.01 -4.34 40.26
C HIS D 3 -18.83 -3.06 40.22
N GLN D 4 -19.21 -2.55 41.40
CA GLN D 4 -20.07 -1.35 41.43
C GLN D 4 -19.34 -0.04 41.05
N LEU D 5 -17.99 0.01 41.11
CA LEU D 5 -17.23 1.19 40.65
C LEU D 5 -17.21 1.23 39.12
N LEU D 6 -17.01 0.06 38.47
CA LEU D 6 -17.03 -0.07 37.02
C LEU D 6 -18.42 0.25 36.48
N ARG D 7 -19.46 -0.31 37.14
CA ARG D 7 -20.88 -0.07 36.83
C ARG D 7 -21.21 1.42 36.97
N TYR D 8 -20.68 2.07 38.04
CA TYR D 8 -20.88 3.51 38.24
C TYR D 8 -20.25 4.31 37.09
N LEU D 9 -18.98 4.00 36.75
CA LEU D 9 -18.26 4.68 35.68
C LEU D 9 -18.91 4.47 34.31
N LEU D 10 -19.55 3.31 34.07
CA LEU D 10 -20.23 2.99 32.82
C LEU D 10 -21.54 3.72 32.61
N ASP D 11 -22.31 3.96 33.70
CA ASP D 11 -23.62 4.63 33.68
C ASP D 11 -23.54 6.09 34.17
N LYS D 12 -22.52 6.85 33.68
N LYS D 12 -22.54 6.86 33.67
CA LYS D 12 -22.18 8.24 34.01
CA LYS D 12 -22.24 8.26 34.00
C LYS D 12 -21.80 8.42 35.48
C LYS D 12 -21.88 8.44 35.47
C4 9LJ E . 5.08 -0.30 -15.45
C7 9LJ E . 4.31 0.86 -15.59
C8 9LJ E . 4.89 2.11 -15.38
C10 9LJ E . 2.73 2.29 -15.89
C13 9LJ E . 1.22 3.49 -17.44
C15 9LJ E . -1.01 4.08 -16.86
C17 9LJ E . 0.37 2.92 -15.28
C20 9LJ E . 4.23 5.05 -14.10
C21 9LJ E . 4.87 5.07 -16.65
C24 9LJ E . 3.81 6.52 -13.95
C26 9LJ E . 3.40 6.25 -11.49
C28 9LJ E . 3.54 4.21 -12.99
C1 9LJ E . 6.42 -0.14 -15.13
C2 9LJ E . 6.98 1.12 -14.92
C3 9LJ E . 6.24 2.27 -15.04
N11 9LJ E . 2.96 1.00 -15.91
N9 9LJ E . 3.86 3.03 -15.58
C19 9LJ E . 3.92 4.51 -15.50
C25 9LJ E . 4.08 7.07 -12.56
C27 9LJ E . 3.80 4.78 -11.58
O23 9LJ E . 5.49 6.12 -16.51
N22 9LJ E . 4.90 4.30 -17.76
C29 9LJ E . 5.64 4.50 -18.96
C30 9LJ E . 5.17 5.44 -19.90
C31 9LJ E . 5.87 5.65 -21.09
C32 9LJ E . 7.03 4.94 -21.36
C33 9LJ E . 7.49 4.01 -20.45
C34 9LJ E . 6.81 3.78 -19.25
C35 9LJ E . 3.97 6.19 -19.64
N36 9LJ E . 3.02 6.77 -19.40
C12 9LJ E . 1.42 2.91 -16.19
C14 9LJ E . 0.02 4.08 -17.78
C16 9LJ E . -0.85 3.51 -15.61
CL18 9LJ E . -2.53 4.82 -17.28
F6 9LJ E . 8.29 1.20 -14.60
F5 9LJ E . 7.19 -1.23 -14.99
C4 9LJ F . 6.90 1.92 29.49
C7 9LJ F . 6.26 1.47 30.65
C8 9LJ F . 5.89 2.39 31.63
C10 9LJ F . 5.33 0.32 32.22
C13 9LJ F . 3.44 -1.13 32.95
C15 9LJ F . 3.78 -2.90 34.50
C17 9LJ F . 5.63 -1.56 33.84
C20 9LJ F . 5.72 2.66 34.93
C21 9LJ F . 3.50 3.06 33.61
C24 9LJ F . 5.16 2.65 36.35
C26 9LJ F . 7.47 2.41 37.34
C28 9LJ F . 7.07 1.87 34.89
C1 9LJ F . 7.13 3.29 29.38
C2 9LJ F . 6.74 4.18 30.37
C3 9LJ F . 6.13 3.76 31.51
N11 9LJ F . 5.91 0.17 31.04
N9 9LJ F . 5.30 1.63 32.64
C19 9LJ F . 4.71 2.10 33.92
C25 9LJ F . 6.16 3.19 37.37
C27 9LJ F . 8.07 2.40 35.92
O23 9LJ F . 3.29 4.08 34.27
N22 9LJ F . 2.73 2.67 32.56
C29 9LJ F . 1.59 3.34 32.06
C30 9LJ F . 0.34 3.13 32.70
C31 9LJ F . -0.81 3.77 32.24
C32 9LJ F . -0.73 4.60 31.14
C33 9LJ F . 0.48 4.81 30.50
C34 9LJ F . 1.64 4.19 30.95
C35 9LJ F . 0.25 2.26 33.84
N36 9LJ F . 0.15 1.58 34.76
C12 9LJ F . 4.80 -0.81 33.01
C14 9LJ F . 2.93 -2.18 33.69
C16 9LJ F . 5.13 -2.60 34.59
CL18 9LJ F . 3.14 -4.22 35.44
F6 9LJ F . 7.00 5.49 30.19
F5 9LJ F . 7.73 3.77 28.28
#